data_7LW9
#
_entry.id   7LW9
#
_cell.length_a   51.073
_cell.length_b   83.664
_cell.length_c   96.150
_cell.angle_alpha   90.000
_cell.angle_beta   90.000
_cell.angle_gamma   90.000
#
_symmetry.space_group_name_H-M   'P 2 21 21'
#
loop_
_entity.id
_entity.type
_entity.pdbx_description
1 polymer 'Exonuclease V'
2 polymer "DNA (5'-D(*AP*TP*TP*GP*CP*TP*GP*AP*AP*GP*GP*G)-3')"
3 non-polymer 'IRON/SULFUR CLUSTER'
4 non-polymer 'ACETATE ION'
5 non-polymer 'SAMARIUM (III) ION'
6 non-polymer 'SODIUM ION'
7 non-polymer 1,2-ETHANEDIOL
8 water water
#
loop_
_entity_poly.entity_id
_entity_poly.type
_entity_poly.pdbx_seq_one_letter_code
_entity_poly.pdbx_strand_id
1 'polypeptide(L)'
;SNALEDAQESKALVNMPGPSSESLGKDDKPISLQNWKRGLDILSPMERFHLKYLYVTDLATQNWCELQTAYGKELPGFLA
PEKAAVLDTGASIHLARELELHDLVTVPVTTKEDAWAIKFLNILLLIPTLQSEGHIREFPVFGEVEGVLLVGVIDELHYT
AKGELELAELKTRRRPMLPLEAQKKKDCFQVSLYKYIFDAMVQGKVTPASLIHHTKLCLEKPLGPSVLRHAQQGGFSVKS
LGDLMELVFLSLTLSDLPVIDILKIEYIHQETATVLGTEIVAFKEKEVRAKVQHYMAYWMGHREPQGVDVEEAWKCRTCT
YADICEWRKGSGVLSSTLAPQVKKAK
;
A
2 'polydeoxyribonucleotide' (DA)(DT)(DT)(DG)(DC)(DT)(DG)(DA)(DA)(DG)(DG)(DG) B
#
loop_
_chem_comp.id
_chem_comp.type
_chem_comp.name
_chem_comp.formula
ACT non-polymer 'ACETATE ION' 'C2 H3 O2 -1'
DA DNA linking 2'-DEOXYADENOSINE-5'-MONOPHOSPHATE 'C10 H14 N5 O6 P'
DC DNA linking 2'-DEOXYCYTIDINE-5'-MONOPHOSPHATE 'C9 H14 N3 O7 P'
DG DNA linking 2'-DEOXYGUANOSINE-5'-MONOPHOSPHATE 'C10 H14 N5 O7 P'
DT DNA linking THYMIDINE-5'-MONOPHOSPHATE 'C10 H15 N2 O8 P'
EDO non-polymer 1,2-ETHANEDIOL 'C2 H6 O2'
NA non-polymer 'SODIUM ION' 'Na 1'
SF4 non-polymer 'IRON/SULFUR CLUSTER' 'Fe4 S4'
SM non-polymer 'SAMARIUM (III) ION' 'Sm 3'
#
# COMPACT_ATOMS: atom_id res chain seq x y z
N ILE A 42 20.50 18.31 -9.88
CA ILE A 42 19.78 17.40 -10.76
C ILE A 42 18.52 16.91 -10.05
N LEU A 43 17.69 16.18 -10.78
CA LEU A 43 16.36 15.83 -10.31
C LEU A 43 16.40 14.59 -9.41
N SER A 44 15.24 14.30 -8.79
CA SER A 44 15.00 13.23 -7.85
C SER A 44 14.61 11.94 -8.57
N PRO A 45 14.70 10.80 -7.89
CA PRO A 45 14.20 9.55 -8.50
C PRO A 45 12.71 9.57 -8.79
N MET A 46 11.92 10.26 -7.96
CA MET A 46 10.49 10.39 -8.25
C MET A 46 10.26 11.08 -9.59
N GLU A 47 11.00 12.17 -9.84
CA GLU A 47 10.87 12.89 -11.10
C GLU A 47 11.59 12.17 -12.24
N ARG A 48 12.67 11.43 -11.93
CA ARG A 48 13.37 10.70 -12.98
C ARG A 48 12.51 9.60 -13.57
N PHE A 49 11.72 8.95 -12.73
CA PHE A 49 10.89 7.83 -13.15
C PHE A 49 9.45 8.24 -13.42
N HIS A 50 9.18 9.54 -13.40
CA HIS A 50 7.86 10.09 -13.69
C HIS A 50 6.79 9.43 -12.82
N LEU A 51 7.01 9.53 -11.52
CA LEU A 51 6.14 8.94 -10.50
C LEU A 51 5.48 10.05 -9.70
N LYS A 52 4.15 9.94 -9.53
CA LYS A 52 3.41 10.83 -8.66
C LYS A 52 3.05 10.21 -7.32
N TYR A 53 3.23 8.90 -7.17
CA TYR A 53 3.05 8.22 -5.89
C TYR A 53 3.77 6.88 -5.96
N LEU A 54 3.78 6.18 -4.83
CA LEU A 54 4.43 4.88 -4.70
C LEU A 54 3.46 3.87 -4.11
N TYR A 55 3.61 2.62 -4.53
CA TYR A 55 2.86 1.54 -3.93
C TYR A 55 3.46 1.15 -2.58
N VAL A 56 2.61 0.60 -1.71
CA VAL A 56 3.10 0.16 -0.40
C VAL A 56 4.19 -0.89 -0.56
N THR A 57 4.03 -1.78 -1.55
CA THR A 57 5.02 -2.82 -1.78
C THR A 57 6.28 -2.29 -2.46
N ASP A 58 6.26 -1.06 -2.98
CA ASP A 58 7.51 -0.46 -3.42
C ASP A 58 8.46 -0.24 -2.25
N LEU A 59 7.91 0.14 -1.10
CA LEU A 59 8.73 0.28 0.10
C LEU A 59 9.08 -1.06 0.70
N ALA A 60 8.23 -2.08 0.50
CA ALA A 60 8.55 -3.41 1.00
C ALA A 60 9.74 -4.00 0.26
N THR A 61 9.68 -4.06 -1.07
CA THR A 61 10.81 -4.54 -1.84
C THR A 61 12.05 -3.67 -1.65
N GLN A 62 11.87 -2.41 -1.24
CA GLN A 62 13.01 -1.58 -0.86
C GLN A 62 13.70 -2.15 0.38
N ASN A 63 12.94 -2.81 1.25
CA ASN A 63 13.51 -3.50 2.40
C ASN A 63 14.23 -4.79 2.00
N TRP A 64 13.90 -5.34 0.83
CA TRP A 64 14.63 -6.48 0.30
C TRP A 64 15.97 -6.01 -0.23
N CYS A 65 15.94 -5.22 -1.31
CA CYS A 65 17.10 -4.44 -1.70
C CYS A 65 16.65 -3.15 -2.36
N GLU A 66 17.19 -2.03 -1.86
CA GLU A 66 16.79 -0.71 -2.36
C GLU A 66 17.32 -0.47 -3.77
N LEU A 67 18.56 -0.89 -4.04
CA LEU A 67 19.11 -0.75 -5.38
C LEU A 67 18.28 -1.52 -6.40
N GLN A 68 17.83 -2.72 -6.04
CA GLN A 68 17.00 -3.51 -6.93
C GLN A 68 15.67 -2.84 -7.21
N THR A 69 15.06 -2.23 -6.19
CA THR A 69 13.83 -1.47 -6.40
C THR A 69 14.06 -0.31 -7.36
N ALA A 70 15.21 0.37 -7.23
CA ALA A 70 15.51 1.50 -8.10
C ALA A 70 15.68 1.05 -9.55
N TYR A 71 16.33 -0.09 -9.77
CA TYR A 71 16.51 -0.59 -11.12
C TYR A 71 15.19 -0.99 -11.76
N GLY A 72 14.26 -1.52 -10.97
CA GLY A 72 12.94 -1.89 -11.49
C GLY A 72 12.13 -0.72 -11.97
N LYS A 73 12.38 0.48 -11.44
CA LYS A 73 11.70 1.69 -11.90
C LYS A 73 12.46 2.38 -13.03
N GLU A 74 13.77 2.14 -13.15
CA GLU A 74 14.54 2.67 -14.26
C GLU A 74 14.37 1.82 -15.51
N LEU A 75 14.51 0.50 -15.37
CA LEU A 75 14.37 -0.47 -16.44
C LEU A 75 13.09 -1.28 -16.23
N PRO A 76 11.91 -0.74 -16.54
CA PRO A 76 10.65 -1.38 -16.14
C PRO A 76 10.20 -2.53 -17.03
N GLY A 77 11.00 -2.96 -17.99
CA GLY A 77 10.56 -4.02 -18.88
C GLY A 77 10.76 -5.42 -18.34
N PHE A 78 11.71 -5.59 -17.41
CA PHE A 78 12.09 -6.92 -16.97
C PHE A 78 11.11 -7.48 -15.94
N LEU A 79 10.76 -6.69 -14.93
CA LEU A 79 9.88 -7.18 -13.87
C LEU A 79 8.43 -7.20 -14.33
N THR A 106 -14.45 -4.84 -12.44
CA THR A 106 -15.27 -5.25 -13.57
C THR A 106 -15.79 -4.04 -14.34
N VAL A 107 -15.20 -2.88 -14.09
CA VAL A 107 -15.65 -1.60 -14.64
C VAL A 107 -14.51 -0.97 -15.39
N PRO A 108 -14.69 -0.55 -16.65
CA PRO A 108 -13.59 0.06 -17.40
C PRO A 108 -13.51 1.57 -17.24
N VAL A 109 -12.31 2.05 -16.92
CA VAL A 109 -11.98 3.47 -16.86
C VAL A 109 -10.66 3.67 -17.61
N THR A 110 -10.32 4.94 -17.85
CA THR A 110 -8.95 5.27 -18.26
C THR A 110 -8.49 6.67 -17.87
N THR A 111 -9.38 7.62 -17.61
CA THR A 111 -8.93 8.85 -16.97
C THR A 111 -8.65 8.59 -15.49
N LYS A 112 -7.65 9.29 -14.95
CA LYS A 112 -7.24 9.03 -13.57
C LYS A 112 -8.31 9.48 -12.58
N GLU A 113 -9.10 10.50 -12.94
CA GLU A 113 -10.21 10.91 -12.09
C GLU A 113 -11.24 9.78 -11.94
N ASP A 114 -11.42 8.98 -12.99
CA ASP A 114 -12.36 7.87 -12.92
C ASP A 114 -11.80 6.72 -12.11
N ALA A 115 -10.50 6.44 -12.23
CA ALA A 115 -9.89 5.35 -11.48
C ALA A 115 -10.01 5.58 -9.97
N TRP A 116 -9.69 6.80 -9.53
CA TRP A 116 -9.80 7.12 -8.10
C TRP A 116 -11.24 7.11 -7.64
N ALA A 117 -12.17 7.53 -8.50
CA ALA A 117 -13.58 7.51 -8.14
C ALA A 117 -14.06 6.09 -7.87
N ILE A 118 -13.55 5.12 -8.63
CA ILE A 118 -13.87 3.73 -8.35
C ILE A 118 -13.30 3.31 -7.00
N LYS A 119 -12.06 3.72 -6.71
CA LYS A 119 -11.46 3.43 -5.41
C LYS A 119 -12.29 4.05 -4.28
N PHE A 120 -12.79 5.27 -4.49
CA PHE A 120 -13.60 5.92 -3.47
C PHE A 120 -14.92 5.20 -3.26
N LEU A 121 -15.59 4.81 -4.34
CA LEU A 121 -16.85 4.08 -4.22
C LEU A 121 -16.65 2.77 -3.49
N ASN A 122 -15.52 2.09 -3.74
CA ASN A 122 -15.24 0.85 -3.05
C ASN A 122 -15.10 1.08 -1.54
N ILE A 123 -14.36 2.11 -1.15
CA ILE A 123 -14.22 2.46 0.26
C ILE A 123 -15.59 2.71 0.87
N LEU A 124 -16.46 3.40 0.13
CA LEU A 124 -17.74 3.81 0.69
C LEU A 124 -18.66 2.62 0.97
N LEU A 125 -18.50 1.52 0.23
CA LEU A 125 -19.26 0.31 0.55
C LEU A 125 -18.53 -0.56 1.57
N LEU A 126 -17.19 -0.57 1.54
CA LEU A 126 -16.44 -1.44 2.43
C LEU A 126 -16.55 -1.00 3.89
N ILE A 127 -16.66 0.31 4.13
CA ILE A 127 -16.75 0.80 5.51
C ILE A 127 -18.01 0.29 6.22
N PRO A 128 -19.21 0.46 5.68
CA PRO A 128 -20.38 -0.10 6.39
C PRO A 128 -20.43 -1.62 6.35
N THR A 129 -19.88 -2.25 5.32
CA THR A 129 -19.80 -3.71 5.31
C THR A 129 -18.94 -4.20 6.47
N LEU A 130 -17.80 -3.56 6.71
CA LEU A 130 -16.96 -3.94 7.83
C LEU A 130 -17.67 -3.73 9.16
N GLN A 131 -18.42 -2.64 9.28
CA GLN A 131 -18.99 -2.26 10.58
C GLN A 131 -20.24 -3.04 10.94
N SER A 132 -20.85 -3.75 9.99
CA SER A 132 -22.00 -4.60 10.28
C SER A 132 -21.71 -6.09 10.12
N GLU A 133 -21.00 -6.47 9.05
CA GLU A 133 -20.67 -7.88 8.84
C GLU A 133 -19.42 -8.31 9.59
N GLY A 134 -18.55 -7.36 9.96
CA GLY A 134 -17.39 -7.68 10.76
C GLY A 134 -16.14 -8.04 10.00
N HIS A 135 -16.19 -8.07 8.67
CA HIS A 135 -15.01 -8.42 7.88
C HIS A 135 -15.18 -7.92 6.46
N ILE A 136 -14.05 -7.60 5.82
CA ILE A 136 -13.99 -7.15 4.44
C ILE A 136 -12.68 -7.63 3.83
N ARG A 137 -12.57 -7.48 2.50
CA ARG A 137 -11.37 -7.84 1.77
C ARG A 137 -11.01 -6.72 0.79
N GLU A 138 -9.73 -6.63 0.47
CA GLU A 138 -9.21 -5.70 -0.53
C GLU A 138 -9.64 -4.26 -0.23
N PHE A 139 -9.21 -3.77 0.93
CA PHE A 139 -9.54 -2.41 1.34
C PHE A 139 -8.44 -1.45 0.88
N PRO A 140 -8.77 -0.44 0.09
CA PRO A 140 -7.72 0.49 -0.37
C PRO A 140 -7.27 1.42 0.74
N VAL A 141 -5.97 1.73 0.73
CA VAL A 141 -5.39 2.67 1.67
C VAL A 141 -4.52 3.65 0.92
N PHE A 142 -4.46 4.88 1.42
CA PHE A 142 -3.62 5.91 0.83
C PHE A 142 -3.32 6.97 1.87
N GLY A 143 -2.26 7.73 1.62
CA GLY A 143 -1.84 8.78 2.53
C GLY A 143 -0.43 9.27 2.26
N GLU A 144 -0.17 10.54 2.52
CA GLU A 144 1.15 11.11 2.32
C GLU A 144 2.04 10.75 3.50
N VAL A 145 3.13 10.05 3.23
CA VAL A 145 4.08 9.65 4.27
C VAL A 145 5.42 10.30 3.96
N GLU A 146 5.85 11.20 4.83
CA GLU A 146 7.14 11.88 4.71
C GLU A 146 7.32 12.53 3.34
N GLY A 147 6.26 13.16 2.84
CA GLY A 147 6.31 13.90 1.60
C GLY A 147 6.04 13.10 0.34
N VAL A 148 5.58 11.85 0.46
CA VAL A 148 5.28 11.01 -0.69
C VAL A 148 3.95 10.33 -0.44
N LEU A 149 3.07 10.36 -1.45
CA LEU A 149 1.80 9.65 -1.36
C LEU A 149 2.05 8.15 -1.51
N LEU A 150 1.64 7.39 -0.49
CA LEU A 150 1.70 5.94 -0.53
C LEU A 150 0.30 5.39 -0.80
N VAL A 151 0.23 4.37 -1.65
CA VAL A 151 -1.04 3.77 -2.06
C VAL A 151 -0.90 2.25 -1.96
N GLY A 152 -1.89 1.60 -1.36
CA GLY A 152 -1.83 0.16 -1.21
C GLY A 152 -3.21 -0.45 -1.01
N VAL A 153 -3.23 -1.76 -0.82
CA VAL A 153 -4.44 -2.52 -0.61
C VAL A 153 -4.21 -3.52 0.52
N ILE A 154 -5.11 -3.53 1.50
CA ILE A 154 -5.06 -4.49 2.60
C ILE A 154 -5.80 -5.75 2.18
N ASP A 155 -5.21 -6.92 2.49
CA ASP A 155 -5.80 -8.19 2.10
C ASP A 155 -7.14 -8.42 2.80
N GLU A 156 -7.14 -8.37 4.13
CA GLU A 156 -8.33 -8.69 4.90
C GLU A 156 -8.36 -7.87 6.18
N LEU A 157 -9.54 -7.34 6.50
CA LEU A 157 -9.79 -6.65 7.76
C LEU A 157 -10.98 -7.32 8.43
N HIS A 158 -10.84 -7.67 9.71
CA HIS A 158 -11.95 -8.29 10.41
C HIS A 158 -11.83 -8.00 11.90
N TYR A 159 -12.96 -8.11 12.59
CA TYR A 159 -13.02 -7.99 14.03
C TYR A 159 -12.87 -9.37 14.66
N THR A 160 -12.04 -9.45 15.70
CA THR A 160 -11.88 -10.70 16.43
C THR A 160 -13.06 -10.92 17.35
N ALA A 161 -13.08 -12.09 18.00
CA ALA A 161 -14.17 -12.42 18.91
C ALA A 161 -14.24 -11.41 20.06
N LYS A 162 -13.09 -10.91 20.51
CA LYS A 162 -13.02 -9.95 21.59
C LYS A 162 -13.15 -8.50 21.12
N GLY A 163 -13.54 -8.28 19.87
CA GLY A 163 -13.80 -6.94 19.39
C GLY A 163 -12.59 -6.14 18.96
N GLU A 164 -11.46 -6.80 18.68
CA GLU A 164 -10.28 -6.12 18.17
C GLU A 164 -10.28 -6.16 16.65
N LEU A 165 -9.83 -5.07 16.04
CA LEU A 165 -9.72 -4.98 14.59
C LEU A 165 -8.37 -5.54 14.16
N GLU A 166 -8.40 -6.63 13.39
CA GLU A 166 -7.19 -7.36 13.03
C GLU A 166 -6.98 -7.28 11.52
N LEU A 167 -5.76 -6.91 11.12
CA LEU A 167 -5.34 -6.95 9.73
C LEU A 167 -4.66 -8.28 9.45
N ALA A 168 -5.13 -8.98 8.43
CA ALA A 168 -4.57 -10.28 8.05
C ALA A 168 -3.98 -10.18 6.65
N GLU A 169 -2.72 -10.58 6.52
CA GLU A 169 -2.02 -10.58 5.24
C GLU A 169 -1.78 -12.03 4.82
N LEU A 170 -2.25 -12.39 3.64
CA LEU A 170 -2.11 -13.74 3.12
C LEU A 170 -0.99 -13.77 2.09
N LYS A 171 0.05 -14.55 2.36
CA LYS A 171 1.13 -14.81 1.43
C LYS A 171 1.08 -16.28 1.02
N THR A 172 1.05 -16.53 -0.29
CA THR A 172 1.08 -17.88 -0.81
C THR A 172 2.47 -18.17 -1.35
N ARG A 173 2.98 -19.37 -1.04
CA ARG A 173 4.30 -19.80 -1.49
C ARG A 173 4.15 -20.99 -2.43
N ARG A 174 5.03 -21.04 -3.44
CA ARG A 174 4.97 -22.15 -4.40
C ARG A 174 5.34 -23.47 -3.73
N ARG A 175 6.46 -23.50 -3.00
CA ARG A 175 6.90 -24.72 -2.34
C ARG A 175 6.51 -24.71 -0.88
N PRO A 176 6.17 -25.88 -0.31
CA PRO A 176 5.87 -25.93 1.14
C PRO A 176 7.12 -25.71 1.97
N MET A 177 7.57 -24.45 2.00
CA MET A 177 8.85 -24.08 2.59
C MET A 177 8.67 -22.85 3.45
N LEU A 178 9.24 -22.87 4.66
CA LEU A 178 9.17 -21.71 5.53
C LEU A 178 9.79 -20.50 4.84
N PRO A 179 9.31 -19.30 5.15
CA PRO A 179 9.98 -18.09 4.67
C PRO A 179 11.20 -17.79 5.53
N LEU A 180 12.20 -17.18 4.91
CA LEU A 180 13.41 -16.81 5.62
C LEU A 180 13.27 -15.40 6.19
N GLU A 181 14.09 -15.11 7.21
CA GLU A 181 13.95 -13.87 7.95
C GLU A 181 14.07 -12.64 7.04
N ALA A 182 14.83 -12.75 5.95
CA ALA A 182 14.90 -11.66 4.99
C ALA A 182 13.53 -11.34 4.40
N GLN A 183 12.74 -12.38 4.12
CA GLN A 183 11.39 -12.17 3.59
C GLN A 183 10.40 -11.78 4.68
N LYS A 184 10.56 -12.32 5.89
CA LYS A 184 9.67 -11.95 6.99
C LYS A 184 9.88 -10.50 7.40
N LYS A 185 11.13 -10.03 7.37
CA LYS A 185 11.39 -8.62 7.63
C LYS A 185 10.64 -7.74 6.64
N LYS A 186 10.71 -8.09 5.35
CA LYS A 186 10.02 -7.31 4.33
C LYS A 186 8.52 -7.33 4.53
N ASP A 187 7.95 -8.48 4.87
CA ASP A 187 6.51 -8.59 5.01
C ASP A 187 6.00 -7.95 6.30
N CYS A 188 6.78 -8.01 7.38
CA CYS A 188 6.41 -7.31 8.60
C CYS A 188 6.38 -5.80 8.37
N PHE A 189 7.33 -5.30 7.59
CA PHE A 189 7.34 -3.88 7.23
C PHE A 189 6.12 -3.53 6.39
N GLN A 190 5.75 -4.41 5.45
CA GLN A 190 4.62 -4.15 4.57
C GLN A 190 3.33 -3.99 5.36
N VAL A 191 3.04 -4.94 6.25
CA VAL A 191 1.80 -4.86 7.03
C VAL A 191 1.88 -3.71 8.03
N SER A 192 3.08 -3.39 8.52
CA SER A 192 3.22 -2.23 9.40
C SER A 192 2.92 -0.93 8.67
N LEU A 193 3.19 -0.89 7.37
CA LEU A 193 2.86 0.28 6.57
C LEU A 193 1.35 0.41 6.38
N TYR A 194 0.66 -0.72 6.19
CA TYR A 194 -0.80 -0.69 6.10
C TYR A 194 -1.41 -0.09 7.35
N LYS A 195 -0.91 -0.47 8.53
CA LYS A 195 -1.42 0.09 9.77
C LYS A 195 -1.09 1.57 9.89
N TYR A 196 0.13 1.96 9.51
CA TYR A 196 0.51 3.36 9.56
C TYR A 196 -0.40 4.22 8.70
N ILE A 197 -0.70 3.76 7.48
CA ILE A 197 -1.53 4.55 6.57
C ILE A 197 -3.00 4.49 6.98
N PHE A 198 -3.49 3.29 7.31
CA PHE A 198 -4.89 3.15 7.70
C PHE A 198 -5.22 3.97 8.94
N ASP A 199 -4.32 3.96 9.93
CA ASP A 199 -4.56 4.72 11.15
C ASP A 199 -4.67 6.21 10.85
N ALA A 200 -3.84 6.72 9.93
CA ALA A 200 -3.92 8.12 9.55
C ALA A 200 -5.24 8.41 8.85
N MET A 201 -5.74 7.46 8.06
CA MET A 201 -6.98 7.68 7.31
C MET A 201 -8.16 7.88 8.24
N VAL A 202 -8.35 6.97 9.19
CA VAL A 202 -9.52 7.03 10.08
C VAL A 202 -9.38 8.05 11.18
N GLN A 203 -8.21 8.67 11.32
CA GLN A 203 -7.99 9.69 12.35
C GLN A 203 -7.94 11.10 11.78
N GLY A 204 -8.24 11.28 10.49
CA GLY A 204 -8.31 12.60 9.92
C GLY A 204 -6.99 13.24 9.57
N LYS A 205 -5.92 12.47 9.46
CA LYS A 205 -4.64 13.01 9.01
C LYS A 205 -4.49 12.96 7.50
N VAL A 206 -5.31 12.18 6.81
CA VAL A 206 -5.33 12.11 5.36
C VAL A 206 -6.46 13.01 4.88
N THR A 207 -6.12 14.01 4.07
CA THR A 207 -7.04 15.04 3.64
C THR A 207 -7.15 15.06 2.12
N PRO A 208 -8.27 15.55 1.56
CA PRO A 208 -8.38 15.63 0.10
C PRO A 208 -7.36 16.57 -0.53
N ALA A 209 -6.84 17.54 0.21
CA ALA A 209 -5.86 18.47 -0.35
C ALA A 209 -4.54 17.77 -0.62
N SER A 210 -4.10 16.90 0.29
CA SER A 210 -2.86 16.16 0.07
C SER A 210 -3.00 15.18 -1.08
N LEU A 211 -4.17 14.55 -1.21
CA LEU A 211 -4.40 13.65 -2.33
C LEU A 211 -4.37 14.40 -3.65
N ILE A 212 -5.00 15.57 -3.70
CA ILE A 212 -5.01 16.36 -4.93
C ILE A 212 -3.60 16.89 -5.23
N HIS A 213 -2.85 17.23 -4.20
CA HIS A 213 -1.52 17.81 -4.40
C HIS A 213 -0.59 16.84 -5.12
N HIS A 214 -0.68 15.55 -4.81
CA HIS A 214 0.27 14.57 -5.33
C HIS A 214 -0.18 13.94 -6.63
N THR A 215 -1.48 13.69 -6.78
CA THR A 215 -2.02 13.05 -7.98
C THR A 215 -2.39 14.04 -9.06
N LYS A 216 -2.64 15.30 -8.71
CA LYS A 216 -3.12 16.32 -9.63
C LYS A 216 -4.46 15.94 -10.25
N LEU A 217 -5.36 15.44 -9.41
CA LEU A 217 -6.74 15.23 -9.83
C LEU A 217 -7.45 16.56 -10.00
N CYS A 218 -8.35 16.62 -10.98
CA CYS A 218 -9.17 17.81 -11.22
C CYS A 218 -10.57 17.54 -10.69
N LEU A 219 -10.99 18.34 -9.71
CA LEU A 219 -12.11 17.94 -8.85
C LEU A 219 -13.49 18.20 -9.46
N GLU A 220 -13.61 19.06 -10.46
CA GLU A 220 -14.90 19.35 -11.08
C GLU A 220 -14.94 18.94 -12.54
N LYS A 221 -13.92 18.25 -13.03
CA LYS A 221 -14.11 17.40 -14.19
C LYS A 221 -15.21 16.41 -13.86
N PRO A 222 -16.33 16.43 -14.57
CA PRO A 222 -17.43 15.53 -14.21
C PRO A 222 -17.01 14.08 -14.39
N LEU A 223 -17.64 13.21 -13.62
CA LEU A 223 -17.27 11.81 -13.63
C LEU A 223 -17.72 11.14 -14.92
N GLY A 224 -16.96 10.14 -15.34
CA GLY A 224 -17.26 9.41 -16.55
C GLY A 224 -18.56 8.63 -16.40
N PRO A 225 -19.30 8.50 -17.51
CA PRO A 225 -20.60 7.79 -17.44
C PRO A 225 -20.48 6.38 -16.91
N SER A 226 -19.32 5.74 -17.06
CA SER A 226 -19.13 4.40 -16.52
C SER A 226 -19.30 4.38 -15.00
N VAL A 227 -18.89 5.45 -14.33
CA VAL A 227 -18.89 5.42 -12.87
C VAL A 227 -20.15 6.03 -12.25
N LEU A 228 -20.78 7.02 -12.92
CA LEU A 228 -22.09 7.48 -12.45
C LEU A 228 -23.11 6.36 -12.57
N ARG A 229 -23.07 5.62 -13.68
CA ARG A 229 -23.94 4.47 -13.84
C ARG A 229 -23.83 3.53 -12.64
N HIS A 230 -22.61 3.10 -12.34
CA HIS A 230 -22.41 2.18 -11.22
C HIS A 230 -22.66 2.85 -9.88
N ALA A 231 -22.44 4.16 -9.78
CA ALA A 231 -22.75 4.87 -8.54
C ALA A 231 -24.24 4.84 -8.26
N GLN A 232 -25.05 5.36 -9.20
CA GLN A 232 -26.50 5.41 -9.01
C GLN A 232 -27.11 4.03 -8.88
N GLN A 233 -26.40 2.97 -9.30
CA GLN A 233 -26.91 1.62 -9.11
C GLN A 233 -27.01 1.27 -7.64
N GLY A 234 -26.00 1.63 -6.86
CA GLY A 234 -26.01 1.39 -5.42
C GLY A 234 -26.47 2.60 -4.63
N GLY A 235 -27.38 3.39 -5.22
CA GLY A 235 -27.90 4.57 -4.55
C GLY A 235 -26.86 5.64 -4.32
N PHE A 236 -26.67 6.53 -5.29
CA PHE A 236 -25.60 7.53 -5.21
C PHE A 236 -25.99 8.69 -6.13
N SER A 237 -26.51 9.77 -5.53
CA SER A 237 -26.76 10.99 -6.28
C SER A 237 -25.56 11.94 -6.16
N VAL A 238 -24.40 11.41 -6.51
CA VAL A 238 -23.14 12.14 -6.52
C VAL A 238 -22.88 12.62 -7.94
N LYS A 239 -22.33 13.82 -8.06
CA LYS A 239 -22.06 14.40 -9.37
C LYS A 239 -20.62 14.79 -9.57
N SER A 240 -20.04 15.60 -8.67
CA SER A 240 -18.65 15.97 -8.85
C SER A 240 -17.75 14.92 -8.21
N LEU A 241 -16.46 15.06 -8.46
CA LEU A 241 -15.49 14.20 -7.77
C LEU A 241 -15.24 14.70 -6.36
N GLY A 242 -15.24 16.03 -6.17
CA GLY A 242 -15.19 16.58 -4.83
C GLY A 242 -16.33 16.10 -3.95
N ASP A 243 -17.55 16.00 -4.49
CA ASP A 243 -18.62 15.41 -3.69
C ASP A 243 -18.17 14.03 -3.19
N LEU A 244 -17.61 13.23 -4.09
CA LEU A 244 -17.24 11.86 -3.75
C LEU A 244 -16.15 11.84 -2.71
N MET A 245 -15.18 12.76 -2.84
CA MET A 245 -14.07 12.84 -1.89
C MET A 245 -14.57 13.28 -0.51
N GLU A 246 -15.34 14.36 -0.47
CA GLU A 246 -15.89 14.84 0.80
C GLU A 246 -16.61 13.73 1.55
N LEU A 247 -17.35 12.89 0.82
CA LEU A 247 -18.08 11.78 1.43
C LEU A 247 -17.14 10.69 1.94
N VAL A 248 -16.03 10.46 1.23
CA VAL A 248 -15.09 9.42 1.64
C VAL A 248 -14.44 9.76 2.97
N PHE A 249 -14.03 11.02 3.14
CA PHE A 249 -13.33 11.40 4.35
C PHE A 249 -14.27 11.59 5.53
N LEU A 250 -15.52 11.98 5.28
CA LEU A 250 -16.53 11.94 6.34
C LEU A 250 -16.71 10.53 6.84
N SER A 251 -16.85 9.57 5.91
CA SER A 251 -17.13 8.18 6.30
C SER A 251 -15.93 7.52 6.95
N LEU A 252 -14.71 7.89 6.53
CA LEU A 252 -13.52 7.33 7.18
C LEU A 252 -13.41 7.80 8.62
N THR A 253 -13.66 9.08 8.87
CA THR A 253 -13.33 9.68 10.16
C THR A 253 -14.48 9.68 11.16
N LEU A 254 -15.73 9.44 10.73
CA LEU A 254 -16.87 9.62 11.61
C LEU A 254 -17.78 8.39 11.71
N SER A 255 -17.31 7.22 11.27
CA SER A 255 -18.09 5.99 11.40
C SER A 255 -17.57 5.08 12.51
N ASP A 256 -16.81 5.64 13.45
CA ASP A 256 -16.32 4.92 14.62
C ASP A 256 -15.38 3.78 14.23
N LEU A 257 -14.56 4.02 13.21
CA LEU A 257 -13.56 3.03 12.81
C LEU A 257 -12.36 3.10 13.76
N PRO A 258 -12.01 2.03 14.45
CA PRO A 258 -10.84 2.07 15.34
C PRO A 258 -9.55 1.90 14.55
N VAL A 259 -8.44 2.23 15.21
CA VAL A 259 -7.14 1.92 14.64
C VAL A 259 -6.90 0.42 14.75
N ILE A 260 -6.12 -0.12 13.81
CA ILE A 260 -5.86 -1.55 13.79
C ILE A 260 -5.11 -1.95 15.04
N ASP A 261 -5.55 -3.05 15.66
CA ASP A 261 -4.96 -3.52 16.91
C ASP A 261 -4.01 -4.69 16.72
N ILE A 262 -4.26 -5.56 15.75
CA ILE A 262 -3.50 -6.78 15.56
C ILE A 262 -3.06 -6.89 14.10
N LEU A 263 -1.81 -7.25 13.89
CA LEU A 263 -1.26 -7.50 12.56
C LEU A 263 -0.88 -8.98 12.47
N LYS A 264 -1.33 -9.63 11.40
CA LYS A 264 -1.15 -11.08 11.24
C LYS A 264 -0.71 -11.38 9.82
N ILE A 265 0.40 -12.07 9.68
CA ILE A 265 0.86 -12.60 8.39
C ILE A 265 0.76 -14.12 8.46
N GLU A 266 0.01 -14.70 7.52
CA GLU A 266 -0.11 -16.14 7.40
C GLU A 266 0.55 -16.59 6.11
N TYR A 267 1.44 -17.57 6.21
CA TYR A 267 2.09 -18.15 5.03
C TYR A 267 1.42 -19.47 4.69
N ILE A 268 1.00 -19.60 3.44
CA ILE A 268 0.15 -20.71 3.01
C ILE A 268 0.77 -21.34 1.78
N HIS A 269 0.97 -22.66 1.82
CA HIS A 269 1.19 -23.45 0.62
C HIS A 269 -0.18 -23.86 0.10
N GLN A 270 -0.62 -23.25 -1.00
CA GLN A 270 -2.02 -23.33 -1.39
C GLN A 270 -2.38 -24.64 -2.09
N GLU A 271 -1.42 -25.39 -2.61
CA GLU A 271 -1.77 -26.68 -3.21
C GLU A 271 -2.00 -27.74 -2.13
N THR A 272 -1.26 -27.69 -1.04
CA THR A 272 -1.56 -28.52 0.12
C THR A 272 -2.52 -27.85 1.11
N ALA A 273 -2.79 -26.56 0.95
CA ALA A 273 -3.57 -25.80 1.93
C ALA A 273 -2.95 -25.92 3.32
N THR A 274 -1.63 -26.01 3.39
CA THR A 274 -0.91 -26.18 4.66
C THR A 274 -0.39 -24.83 5.12
N VAL A 275 -0.56 -24.54 6.40
CA VAL A 275 -0.09 -23.30 6.99
C VAL A 275 1.39 -23.45 7.31
N LEU A 276 2.22 -22.62 6.66
CA LEU A 276 3.67 -22.68 6.82
C LEU A 276 4.20 -21.71 7.87
N GLY A 277 3.33 -21.10 8.67
CA GLY A 277 3.76 -20.21 9.72
C GLY A 277 2.91 -18.97 9.84
N THR A 278 2.76 -18.48 11.07
CA THR A 278 1.99 -17.27 11.36
C THR A 278 2.88 -16.30 12.11
N GLU A 279 3.04 -15.09 11.58
CA GLU A 279 3.73 -14.01 12.25
C GLU A 279 2.71 -13.01 12.75
N ILE A 280 2.78 -12.69 14.04
CA ILE A 280 1.96 -11.64 14.64
C ILE A 280 2.89 -10.47 14.91
N VAL A 281 2.81 -9.46 14.06
CA VAL A 281 3.81 -8.40 14.01
C VAL A 281 3.64 -7.46 15.20
N ALA A 282 4.74 -7.22 15.92
CA ALA A 282 4.76 -6.25 17.00
C ALA A 282 4.98 -4.87 16.40
N PHE A 283 3.95 -4.03 16.45
CA PHE A 283 4.00 -2.70 15.84
C PHE A 283 4.62 -1.70 16.80
N LYS A 284 5.55 -0.90 16.29
CA LYS A 284 6.19 0.17 17.06
C LYS A 284 6.27 1.39 16.16
N GLU A 285 5.50 2.43 16.50
CA GLU A 285 5.33 3.57 15.59
C GLU A 285 6.65 4.29 15.32
N LYS A 286 7.49 4.42 16.35
CA LYS A 286 8.73 5.17 16.17
C LYS A 286 9.68 4.47 15.21
N GLU A 287 9.82 3.14 15.34
CA GLU A 287 10.71 2.41 14.44
C GLU A 287 10.17 2.40 13.02
N VAL A 288 8.84 2.26 12.87
CA VAL A 288 8.24 2.27 11.55
C VAL A 288 8.45 3.62 10.88
N ARG A 289 8.25 4.70 11.64
CA ARG A 289 8.45 6.04 11.08
C ARG A 289 9.91 6.28 10.73
N ALA A 290 10.83 5.83 11.61
CA ALA A 290 12.25 5.98 11.33
C ALA A 290 12.64 5.31 10.02
N LYS A 291 12.17 4.07 9.83
CA LYS A 291 12.52 3.34 8.61
C LYS A 291 11.92 4.01 7.37
N VAL A 292 10.68 4.46 7.46
CA VAL A 292 10.06 5.12 6.31
C VAL A 292 10.78 6.41 5.98
N GLN A 293 11.12 7.20 7.02
CA GLN A 293 11.88 8.43 6.80
C GLN A 293 13.18 8.13 6.08
N HIS A 294 13.84 7.03 6.44
CA HIS A 294 15.07 6.65 5.75
C HIS A 294 14.80 6.26 4.30
N TYR A 295 13.75 5.47 4.08
CA TYR A 295 13.47 4.98 2.72
C TYR A 295 12.95 6.10 1.82
N MET A 296 12.13 6.99 2.36
CA MET A 296 11.63 8.11 1.58
C MET A 296 12.74 9.09 1.20
N ALA A 297 13.82 9.12 1.98
CA ALA A 297 14.95 10.00 1.66
C ALA A 297 15.60 9.65 0.33
N TYR A 298 15.47 8.39 -0.12
CA TYR A 298 15.98 8.06 -1.45
C TYR A 298 15.07 8.63 -2.54
N TRP A 299 13.77 8.37 -2.43
CA TRP A 299 12.84 8.77 -3.47
C TRP A 299 12.77 10.30 -3.61
N MET A 300 12.85 11.01 -2.49
CA MET A 300 12.87 12.47 -2.56
C MET A 300 14.20 13.00 -3.09
N GLY A 301 15.25 12.20 -3.04
CA GLY A 301 16.52 12.55 -3.66
C GLY A 301 17.61 13.04 -2.75
N HIS A 302 17.56 12.70 -1.45
CA HIS A 302 18.50 13.25 -0.49
C HIS A 302 19.65 12.31 -0.15
N ARG A 303 19.64 11.08 -0.65
CA ARG A 303 20.76 10.17 -0.46
C ARG A 303 20.79 9.17 -1.61
N GLU A 304 21.90 8.45 -1.72
CA GLU A 304 22.06 7.49 -2.79
C GLU A 304 21.54 6.12 -2.37
N PRO A 305 21.03 5.33 -3.32
CA PRO A 305 20.47 4.02 -2.96
C PRO A 305 21.56 3.05 -2.53
N GLN A 306 21.22 2.22 -1.54
CA GLN A 306 22.13 1.23 -1.00
C GLN A 306 21.77 -0.17 -1.48
N GLY A 307 22.79 -0.96 -1.80
CA GLY A 307 22.61 -2.36 -2.13
C GLY A 307 22.48 -3.20 -0.87
N VAL A 308 22.63 -4.52 -1.06
CA VAL A 308 22.50 -5.46 0.05
C VAL A 308 23.76 -5.45 0.90
N ASP A 309 23.59 -5.78 2.18
CA ASP A 309 24.73 -5.98 3.07
C ASP A 309 25.48 -7.25 2.67
N VAL A 310 26.77 -7.29 3.02
CA VAL A 310 27.63 -8.37 2.57
C VAL A 310 27.14 -9.72 3.08
N GLU A 311 26.46 -9.73 4.23
CA GLU A 311 25.92 -10.97 4.78
C GLU A 311 24.77 -11.52 3.95
N GLU A 312 24.10 -10.67 3.16
CA GLU A 312 22.97 -11.08 2.34
C GLU A 312 23.30 -11.04 0.86
N ALA A 313 24.57 -11.29 0.51
CA ALA A 313 24.98 -11.29 -0.89
C ALA A 313 24.34 -12.39 -1.70
N TRP A 314 23.69 -13.37 -1.05
CA TRP A 314 22.98 -14.42 -1.78
C TRP A 314 21.77 -13.88 -2.52
N LYS A 315 21.25 -12.71 -2.13
CA LYS A 315 20.14 -12.11 -2.87
C LYS A 315 20.54 -11.78 -4.30
N CYS A 316 21.82 -11.53 -4.54
CA CYS A 316 22.29 -11.12 -5.85
C CYS A 316 22.31 -12.28 -6.84
N ARG A 317 22.36 -13.52 -6.34
CA ARG A 317 22.46 -14.69 -7.21
C ARG A 317 21.25 -14.83 -8.12
N THR A 318 20.12 -14.20 -7.78
CA THR A 318 18.89 -14.33 -8.53
C THR A 318 18.35 -12.98 -9.01
N CYS A 319 19.17 -11.92 -8.95
CA CYS A 319 18.68 -10.60 -9.31
C CYS A 319 18.79 -10.38 -10.81
N THR A 320 17.70 -9.92 -11.42
CA THR A 320 17.69 -9.58 -12.84
C THR A 320 18.82 -8.62 -13.18
N TYR A 321 19.08 -7.64 -12.30
CA TYR A 321 20.06 -6.59 -12.54
C TYR A 321 21.43 -6.92 -11.95
N ALA A 322 21.80 -8.21 -11.90
CA ALA A 322 23.07 -8.59 -11.31
C ALA A 322 24.25 -8.23 -12.20
N ASP A 323 24.09 -8.29 -13.52
CA ASP A 323 25.20 -8.01 -14.42
C ASP A 323 25.48 -6.51 -14.55
N ILE A 324 24.43 -5.68 -14.50
CA ILE A 324 24.62 -4.24 -14.70
C ILE A 324 25.01 -3.52 -13.41
N CYS A 325 24.82 -4.15 -12.25
CA CYS A 325 25.02 -3.45 -10.99
C CYS A 325 26.50 -3.24 -10.71
N GLU A 326 26.80 -2.16 -9.97
CA GLU A 326 28.15 -1.86 -9.55
C GLU A 326 28.34 -1.91 -8.04
N TRP A 327 27.27 -2.18 -7.29
CA TRP A 327 27.40 -2.30 -5.83
C TRP A 327 28.05 -3.62 -5.46
N ARG A 328 27.55 -4.73 -6.02
CA ARG A 328 28.05 -6.05 -5.64
C ARG A 328 29.53 -6.19 -5.99
N LYS A 329 29.97 -5.60 -7.09
CA LYS A 329 31.39 -5.56 -7.42
C LYS A 329 32.13 -4.73 -6.37
N GLY A 330 31.84 -3.43 -6.32
CA GLY A 330 32.44 -2.54 -5.35
C GLY A 330 31.73 -1.21 -5.21
FE1 SF4 C . 20.71 -6.85 -7.33
FE2 SF4 C . 22.55 -7.42 -5.39
FE3 SF4 C . 20.78 -5.37 -5.04
FE4 SF4 C . 22.78 -5.12 -6.88
S1 SF4 C . 23.01 -5.33 -4.62
S2 SF4 C . 20.59 -4.58 -7.17
S3 SF4 C . 22.92 -7.28 -7.64
S4 SF4 C . 20.29 -7.60 -5.21
C ACT D . -2.46 -12.93 -1.66
O ACT D . -3.16 -12.08 -1.05
OXT ACT D . -1.21 -12.95 -1.84
CH3 ACT D . -3.22 -14.14 -2.29
C ACT E . -20.02 19.98 -1.12
O ACT E . -19.49 20.74 -0.25
OXT ACT E . -19.48 19.49 -2.16
CH3 ACT E . -21.51 19.61 -0.85
SM SM F . -1.36 -10.81 -0.04
SM SM G . -10.33 -8.91 -6.18
NA NA H . -4.51 -8.11 -2.19
C1 EDO I . 6.67 13.80 -12.89
O1 EDO I . 6.84 13.88 -11.46
C2 EDO I . 5.56 12.80 -13.21
O2 EDO I . 4.30 13.34 -12.79
C1 EDO J . 28.70 -6.53 -1.44
O1 EDO J . 27.82 -6.78 -0.33
C2 EDO J . 28.71 -7.74 -2.36
O2 EDO J . 27.36 -8.09 -2.69
C ACT K . 4.20 3.36 -9.56
O ACT K . 3.70 4.53 -9.57
OXT ACT K . 4.93 2.82 -8.69
CH3 ACT K . 3.86 2.47 -10.80
#